data_2YVU
#
_entry.id   2YVU
#
_cell.length_a   44.010
_cell.length_b   102.820
_cell.length_c   45.580
_cell.angle_alpha   90.00
_cell.angle_beta   96.67
_cell.angle_gamma   90.00
#
_symmetry.space_group_name_H-M   'P 1 21 1'
#
loop_
_entity.id
_entity.type
_entity.pdbx_description
1 polymer 'Probable adenylyl-sulfate kinase'
2 water water
#
_entity_poly.entity_id   1
_entity_poly.type   'polypeptide(L)'
_entity_poly.pdbx_seq_one_letter_code
;MQALTTYKCIEKGIVVWLTGLPGSGKTTIATRLADLLQKEGYRVEVLDGDWARTTVSEGAGFTREERLRHLKRIAWIARL
LARNGVIVICSFVSPYKQARNMVRRIVEEEGIPFLEIYVKASLEEVIRRDPKGLYKKALKGELENFTGITDPYEPPENPQ
LVLDTESNTIEHNVSYLYSLVKAVIE
;
_entity_poly.pdbx_strand_id   A,B
#
# COMPACT_ATOMS: atom_id res chain seq x y z
N LYS A 8 18.78 5.69 9.72
CA LYS A 8 18.15 6.75 10.57
C LYS A 8 16.78 6.32 11.07
N CYS A 9 16.30 6.98 12.13
CA CYS A 9 15.02 6.62 12.72
C CYS A 9 14.19 7.80 13.23
N ILE A 10 13.05 8.05 12.57
CA ILE A 10 12.16 9.13 12.99
C ILE A 10 10.80 8.53 13.35
N GLU A 11 10.12 9.09 14.34
CA GLU A 11 8.83 8.56 14.75
C GLU A 11 7.77 8.60 13.64
N LYS A 12 7.57 9.76 13.04
CA LYS A 12 6.58 9.87 11.98
C LYS A 12 7.13 10.52 10.72
N GLY A 13 6.74 10.00 9.56
CA GLY A 13 7.22 10.56 8.32
C GLY A 13 6.26 11.61 7.82
N ILE A 14 6.28 11.86 6.51
CA ILE A 14 5.38 12.85 5.92
C ILE A 14 5.00 12.36 4.53
N VAL A 15 4.01 13.00 3.92
CA VAL A 15 3.57 12.63 2.57
C VAL A 15 3.75 13.87 1.70
N VAL A 16 4.62 13.76 0.71
CA VAL A 16 4.85 14.85 -0.21
C VAL A 16 4.07 14.43 -1.45
N TRP A 17 3.04 15.21 -1.78
CA TRP A 17 2.17 14.93 -2.92
C TRP A 17 2.40 15.84 -4.11
N LEU A 18 3.09 15.34 -5.15
CA LEU A 18 3.33 16.20 -6.29
C LEU A 18 2.14 16.17 -7.23
N THR A 19 1.58 17.33 -7.55
CA THR A 19 0.44 17.36 -8.46
C THR A 19 0.78 18.30 -9.62
N GLY A 20 0.40 17.87 -10.82
CA GLY A 20 0.67 18.65 -12.00
C GLY A 20 0.33 17.85 -13.24
N LEU A 21 0.41 18.49 -14.40
CA LEU A 21 0.08 17.85 -15.66
C LEU A 21 1.10 16.79 -16.05
N PRO A 22 0.65 15.79 -16.81
CA PRO A 22 1.59 14.74 -17.25
C PRO A 22 2.62 15.52 -18.06
N GLY A 23 3.89 15.19 -17.91
CA GLY A 23 4.91 15.89 -18.66
C GLY A 23 5.47 17.12 -17.97
N SER A 24 4.92 17.50 -16.81
CA SER A 24 5.42 18.67 -16.10
C SER A 24 6.77 18.42 -15.41
N GLY A 25 7.16 17.16 -15.26
CA GLY A 25 8.43 16.90 -14.62
C GLY A 25 8.31 16.38 -13.20
N LYS A 26 7.09 16.08 -12.77
CA LYS A 26 6.81 15.57 -11.41
C LYS A 26 7.71 14.43 -10.98
N THR A 27 7.72 13.36 -11.76
CA THR A 27 8.50 12.18 -11.41
C THR A 27 10.00 12.41 -11.33
N THR A 28 10.56 13.23 -12.22
CA THR A 28 11.98 13.53 -12.14
C THR A 28 12.27 14.21 -10.78
N ILE A 29 11.42 15.18 -10.43
CA ILE A 29 11.57 15.88 -9.16
C ILE A 29 11.47 14.90 -7.98
N ALA A 30 10.46 14.04 -8.01
CA ALA A 30 10.27 13.05 -6.93
C ALA A 30 11.52 12.17 -6.71
N THR A 31 12.05 11.66 -7.81
CA THR A 31 13.21 10.77 -7.74
C THR A 31 14.51 11.44 -7.28
N ARG A 32 14.74 12.66 -7.72
CA ARG A 32 15.92 13.38 -7.32
C ARG A 32 15.79 13.77 -5.86
N LEU A 33 14.59 14.15 -5.44
CA LEU A 33 14.42 14.48 -4.03
C LEU A 33 14.64 13.21 -3.21
N ALA A 34 14.08 12.10 -3.68
CA ALA A 34 14.21 10.84 -2.95
C ALA A 34 15.68 10.44 -2.83
N ASP A 35 16.45 10.61 -3.90
CA ASP A 35 17.86 10.26 -3.86
C ASP A 35 18.57 11.06 -2.76
N LEU A 36 18.28 12.36 -2.68
CA LEU A 36 18.89 13.23 -1.68
C LEU A 36 18.65 12.79 -0.22
N LEU A 37 17.39 12.50 0.09
CA LEU A 37 17.02 12.09 1.43
C LEU A 37 17.54 10.71 1.80
N GLN A 38 17.51 9.78 0.85
CA GLN A 38 18.01 8.45 1.15
C GLN A 38 19.50 8.55 1.45
N LYS A 39 20.25 9.23 0.58
CA LYS A 39 21.68 9.40 0.83
C LYS A 39 21.95 10.00 2.20
N GLU A 40 20.98 10.72 2.75
CA GLU A 40 21.14 11.29 4.09
C GLU A 40 20.69 10.29 5.14
N GLY A 41 20.22 9.13 4.70
CA GLY A 41 19.80 8.08 5.62
C GLY A 41 18.34 7.99 6.02
N TYR A 42 17.46 8.73 5.38
CA TYR A 42 16.05 8.64 5.74
C TYR A 42 15.40 7.49 5.00
N ARG A 43 14.33 6.94 5.57
CA ARG A 43 13.57 5.87 4.92
C ARG A 43 12.67 6.65 3.99
N VAL A 44 12.71 6.31 2.69
CA VAL A 44 11.91 7.00 1.69
C VAL A 44 11.26 6.03 0.70
N GLU A 45 10.05 6.35 0.26
CA GLU A 45 9.38 5.55 -0.76
C GLU A 45 8.76 6.51 -1.73
N VAL A 46 8.99 6.26 -3.02
CA VAL A 46 8.44 7.08 -4.06
C VAL A 46 7.32 6.24 -4.66
N LEU A 47 6.10 6.76 -4.65
CA LEU A 47 4.98 6.05 -5.22
C LEU A 47 4.54 6.86 -6.42
N ASP A 48 4.43 6.20 -7.57
CA ASP A 48 4.00 6.90 -8.78
C ASP A 48 3.07 6.00 -9.60
N GLY A 49 2.47 6.56 -10.65
CA GLY A 49 1.54 5.81 -11.48
C GLY A 49 2.11 4.60 -12.20
N ASP A 50 3.29 4.73 -12.75
CA ASP A 50 3.90 3.61 -13.44
C ASP A 50 4.10 2.44 -12.49
N TRP A 51 4.49 2.72 -11.26
CA TRP A 51 4.68 1.65 -10.28
C TRP A 51 3.32 1.05 -9.94
N ALA A 52 2.39 1.91 -9.55
CA ALA A 52 1.05 1.47 -9.16
C ALA A 52 0.35 0.65 -10.24
N ARG A 53 0.52 1.05 -11.49
CA ARG A 53 -0.11 0.42 -12.62
C ARG A 53 0.21 -1.07 -12.74
N THR A 54 1.37 -1.51 -12.25
CA THR A 54 1.69 -2.92 -12.34
C THR A 54 1.67 -3.60 -10.98
N THR A 55 1.21 -2.90 -9.95
CA THR A 55 1.21 -3.51 -8.62
C THR A 55 -0.09 -3.40 -7.82
N VAL A 56 -0.27 -2.28 -7.13
CA VAL A 56 -1.45 -2.10 -6.29
C VAL A 56 -2.73 -1.67 -6.98
N SER A 57 -2.60 -1.10 -8.17
CA SER A 57 -3.76 -0.66 -8.92
C SER A 57 -3.66 -1.22 -10.34
N GLU A 58 -3.12 -2.42 -10.46
CA GLU A 58 -2.90 -3.06 -11.77
C GLU A 58 -4.04 -3.28 -12.75
N GLY A 59 -5.28 -3.48 -12.30
CA GLY A 59 -6.32 -3.72 -13.29
C GLY A 59 -7.50 -2.77 -13.29
N ALA A 60 -7.24 -1.48 -13.12
CA ALA A 60 -8.33 -0.51 -13.09
C ALA A 60 -8.56 0.16 -14.43
N GLY A 61 -9.79 0.58 -14.66
CA GLY A 61 -10.11 1.28 -15.89
C GLY A 61 -9.65 2.71 -15.65
N PHE A 62 -10.25 3.68 -16.32
CA PHE A 62 -9.84 5.06 -16.12
C PHE A 62 -11.03 5.97 -15.91
N THR A 63 -12.13 5.39 -15.46
CA THR A 63 -13.32 6.17 -15.20
C THR A 63 -12.99 7.08 -14.00
N ARG A 64 -13.69 8.19 -13.87
CA ARG A 64 -13.43 9.10 -12.77
C ARG A 64 -13.58 8.43 -11.41
N GLU A 65 -14.50 7.47 -11.32
CA GLU A 65 -14.71 6.76 -10.06
C GLU A 65 -13.60 5.73 -9.84
N GLU A 66 -13.05 5.22 -10.94
CA GLU A 66 -11.98 4.23 -10.88
C GLU A 66 -10.71 4.91 -10.38
N ARG A 67 -10.43 6.10 -10.90
CA ARG A 67 -9.27 6.88 -10.51
C ARG A 67 -9.33 7.23 -9.01
N LEU A 68 -10.52 7.56 -8.55
CA LEU A 68 -10.74 7.91 -7.14
C LEU A 68 -10.42 6.73 -6.24
N ARG A 69 -10.97 5.56 -6.58
CA ARG A 69 -10.71 4.36 -5.79
C ARG A 69 -9.21 4.19 -5.63
N HIS A 70 -8.52 4.46 -6.73
CA HIS A 70 -7.07 4.32 -6.82
C HIS A 70 -6.36 5.31 -5.91
N LEU A 71 -6.75 6.58 -5.99
CA LEU A 71 -6.15 7.62 -5.18
C LEU A 71 -6.40 7.42 -3.69
N LYS A 72 -7.59 6.97 -3.34
CA LYS A 72 -7.89 6.71 -1.93
C LYS A 72 -6.97 5.58 -1.47
N ARG A 73 -6.76 4.62 -2.34
CA ARG A 73 -5.91 3.49 -2.03
C ARG A 73 -4.48 3.97 -1.81
N ILE A 74 -4.00 4.85 -2.68
CA ILE A 74 -2.66 5.38 -2.53
C ILE A 74 -2.53 6.14 -1.22
N ALA A 75 -3.56 6.90 -0.88
CA ALA A 75 -3.58 7.69 0.35
C ALA A 75 -3.41 6.78 1.59
N TRP A 76 -4.02 5.61 1.53
CA TRP A 76 -3.89 4.73 2.67
C TRP A 76 -2.52 4.10 2.80
N ILE A 77 -1.95 3.71 1.65
CA ILE A 77 -0.63 3.11 1.61
C ILE A 77 0.36 4.16 2.12
N ALA A 78 0.17 5.39 1.67
CA ALA A 78 1.04 6.49 2.09
C ALA A 78 0.89 6.74 3.61
N ARG A 79 -0.32 6.68 4.10
CA ARG A 79 -0.57 6.91 5.52
C ARG A 79 0.10 5.81 6.37
N LEU A 80 -0.05 4.55 5.96
CA LEU A 80 0.56 3.45 6.68
C LEU A 80 2.09 3.59 6.69
N LEU A 81 2.68 3.90 5.56
CA LEU A 81 4.13 4.02 5.53
C LEU A 81 4.58 5.20 6.41
N ALA A 82 3.90 6.32 6.26
CA ALA A 82 4.27 7.51 7.00
C ALA A 82 4.13 7.38 8.51
N ARG A 83 3.09 6.69 8.96
CA ARG A 83 2.94 6.53 10.41
C ARG A 83 4.02 5.60 10.93
N ASN A 84 4.78 4.98 10.03
CA ASN A 84 5.87 4.11 10.48
C ASN A 84 7.23 4.72 10.21
N GLY A 85 7.28 6.04 10.15
CA GLY A 85 8.54 6.75 9.96
C GLY A 85 9.07 6.99 8.56
N VAL A 86 8.28 6.67 7.53
CA VAL A 86 8.72 6.84 6.17
C VAL A 86 8.31 8.16 5.51
N ILE A 87 9.23 8.73 4.74
CA ILE A 87 8.94 9.94 3.99
C ILE A 87 8.38 9.42 2.67
N VAL A 88 7.10 9.68 2.42
CA VAL A 88 6.46 9.17 1.21
C VAL A 88 6.32 10.24 0.17
N ILE A 89 7.02 10.08 -0.94
CA ILE A 89 6.94 11.07 -2.02
C ILE A 89 6.02 10.50 -3.10
N CYS A 90 4.92 11.21 -3.35
CA CYS A 90 3.94 10.75 -4.33
C CYS A 90 3.86 11.57 -5.60
N SER A 91 3.77 10.90 -6.74
CA SER A 91 3.67 11.56 -8.03
C SER A 91 2.57 10.86 -8.82
N PHE A 92 1.39 11.46 -8.82
CA PHE A 92 0.28 10.83 -9.51
C PHE A 92 -0.52 11.78 -10.38
N VAL A 93 -1.38 11.18 -11.22
CA VAL A 93 -2.26 11.94 -12.07
C VAL A 93 -3.51 12.13 -11.20
N SER A 94 -3.66 13.34 -10.67
CA SER A 94 -4.79 13.68 -9.80
C SER A 94 -5.19 15.12 -10.11
N PRO A 95 -5.75 15.37 -11.31
CA PRO A 95 -6.16 16.71 -11.73
C PRO A 95 -7.26 17.40 -10.95
N TYR A 96 -8.10 16.63 -10.26
CA TYR A 96 -9.22 17.19 -9.52
C TYR A 96 -8.94 17.55 -8.05
N LYS A 97 -9.24 18.79 -7.69
CA LYS A 97 -9.04 19.26 -6.33
C LYS A 97 -9.73 18.39 -5.30
N GLN A 98 -11.00 18.06 -5.55
CA GLN A 98 -11.78 17.24 -4.64
C GLN A 98 -11.05 15.94 -4.36
N ALA A 99 -10.55 15.32 -5.42
CA ALA A 99 -9.83 14.06 -5.29
C ALA A 99 -8.60 14.24 -4.42
N ARG A 100 -7.85 15.31 -4.67
CA ARG A 100 -6.65 15.59 -3.89
C ARG A 100 -7.01 15.97 -2.44
N ASN A 101 -8.16 16.59 -2.22
CA ASN A 101 -8.58 16.96 -0.86
C ASN A 101 -8.93 15.71 -0.07
N MET A 102 -9.51 14.74 -0.75
CA MET A 102 -9.86 13.45 -0.15
C MET A 102 -8.56 12.71 0.25
N VAL A 103 -7.53 12.81 -0.59
CA VAL A 103 -6.26 12.16 -0.27
C VAL A 103 -5.66 12.85 0.97
N ARG A 104 -5.62 14.18 0.94
CA ARG A 104 -5.11 14.97 2.06
C ARG A 104 -5.78 14.58 3.38
N ARG A 105 -7.11 14.48 3.35
CA ARG A 105 -7.91 14.14 4.53
C ARG A 105 -7.46 12.83 5.17
N ILE A 106 -7.31 11.81 4.34
CA ILE A 106 -6.89 10.52 4.82
C ILE A 106 -5.55 10.60 5.52
N VAL A 107 -4.62 11.32 4.92
CA VAL A 107 -3.28 11.47 5.52
C VAL A 107 -3.29 12.31 6.82
N GLU A 108 -3.99 13.44 6.78
CA GLU A 108 -4.04 14.34 7.93
C GLU A 108 -4.75 13.74 9.13
N GLU A 109 -5.71 12.86 8.86
CA GLU A 109 -6.44 12.20 9.92
C GLU A 109 -5.46 11.49 10.85
N GLU A 110 -4.49 10.79 10.27
CA GLU A 110 -3.48 10.09 11.06
C GLU A 110 -2.58 11.10 11.77
N GLY A 111 -2.75 12.39 11.47
CA GLY A 111 -1.90 13.40 12.08
C GLY A 111 -0.60 13.57 11.30
N ILE A 112 -0.58 13.05 10.08
CA ILE A 112 0.60 13.14 9.23
C ILE A 112 0.60 14.37 8.34
N PRO A 113 1.72 15.11 8.32
CA PRO A 113 1.83 16.33 7.50
C PRO A 113 1.64 15.94 6.03
N PHE A 114 0.84 16.72 5.30
CA PHE A 114 0.61 16.44 3.89
C PHE A 114 0.99 17.68 3.09
N LEU A 115 2.09 17.58 2.36
CA LEU A 115 2.57 18.73 1.58
C LEU A 115 2.17 18.63 0.11
N GLU A 116 1.20 19.45 -0.28
CA GLU A 116 0.74 19.47 -1.66
C GLU A 116 1.64 20.42 -2.45
N ILE A 117 2.43 19.82 -3.34
CA ILE A 117 3.39 20.54 -4.16
C ILE A 117 2.91 20.70 -5.59
N TYR A 118 2.69 21.94 -6.00
CA TYR A 118 2.24 22.18 -7.37
C TYR A 118 3.41 22.34 -8.32
N VAL A 119 3.56 21.36 -9.21
CA VAL A 119 4.59 21.35 -10.24
C VAL A 119 3.90 22.02 -11.42
N LYS A 120 4.23 23.28 -11.62
CA LYS A 120 3.59 24.14 -12.61
C LYS A 120 4.19 24.23 -14.01
N ALA A 121 3.34 23.89 -14.98
CA ALA A 121 3.66 23.89 -16.40
C ALA A 121 2.34 24.00 -17.18
N SER A 122 2.27 24.87 -18.18
CA SER A 122 1.03 24.99 -18.93
C SER A 122 0.81 23.79 -19.82
N LEU A 123 -0.44 23.62 -20.22
CA LEU A 123 -0.86 22.54 -21.10
C LEU A 123 -0.11 22.60 -22.43
N GLU A 124 -0.05 23.79 -23.02
CA GLU A 124 0.60 23.94 -24.31
C GLU A 124 2.08 23.66 -24.14
N GLU A 125 2.60 24.01 -22.97
CA GLU A 125 4.00 23.78 -22.70
C GLU A 125 4.33 22.31 -22.60
N VAL A 126 3.53 21.51 -21.90
CA VAL A 126 3.87 20.08 -21.82
C VAL A 126 3.67 19.39 -23.17
N ILE A 127 2.74 19.89 -23.97
CA ILE A 127 2.53 19.29 -25.28
C ILE A 127 3.74 19.62 -26.17
N ARG A 128 4.11 20.90 -26.19
CA ARG A 128 5.25 21.39 -26.97
C ARG A 128 6.55 20.66 -26.59
N ARG A 129 6.70 20.36 -25.32
CA ARG A 129 7.91 19.70 -24.85
C ARG A 129 8.14 18.33 -25.46
N ASP A 130 7.07 17.55 -25.60
CA ASP A 130 7.21 16.19 -26.06
C ASP A 130 6.35 15.70 -27.23
N PRO A 131 6.64 16.24 -28.43
CA PRO A 131 5.90 15.88 -29.65
C PRO A 131 5.91 14.36 -29.84
N LYS A 132 7.11 13.79 -29.84
CA LYS A 132 7.26 12.36 -30.03
C LYS A 132 6.34 11.57 -29.13
N GLY A 133 6.29 11.96 -27.85
CA GLY A 133 5.43 11.24 -26.91
C GLY A 133 3.94 11.37 -27.20
N LEU A 134 3.52 12.55 -27.63
CA LEU A 134 2.13 12.80 -27.96
C LEU A 134 1.73 11.86 -29.08
N TYR A 135 2.53 11.85 -30.14
CA TYR A 135 2.26 11.01 -31.29
C TYR A 135 2.18 9.55 -30.95
N LYS A 136 3.09 9.07 -30.12
CA LYS A 136 3.07 7.66 -29.80
C LYS A 136 1.83 7.24 -29.00
N LYS A 137 1.39 8.07 -28.05
CA LYS A 137 0.21 7.68 -27.30
C LYS A 137 -1.03 7.71 -28.23
N ALA A 138 -1.08 8.71 -29.11
CA ALA A 138 -2.20 8.83 -30.05
C ALA A 138 -2.24 7.66 -31.03
N LEU A 139 -1.10 7.36 -31.65
CA LEU A 139 -1.03 6.29 -32.62
C LEU A 139 -1.39 4.95 -32.01
N LYS A 140 -0.97 4.71 -30.78
CA LYS A 140 -1.32 3.42 -30.18
C LYS A 140 -2.60 3.48 -29.36
N GLY A 141 -3.33 4.57 -29.52
CA GLY A 141 -4.62 4.74 -28.85
C GLY A 141 -4.65 4.70 -27.33
N GLU A 142 -3.52 4.95 -26.69
CA GLU A 142 -3.49 4.94 -25.24
C GLU A 142 -3.64 6.35 -24.73
N LEU A 143 -4.70 7.02 -25.16
CA LEU A 143 -4.95 8.37 -24.72
C LEU A 143 -5.95 8.22 -23.60
N GLU A 144 -6.87 9.16 -23.47
CA GLU A 144 -7.85 9.06 -22.40
C GLU A 144 -7.03 9.03 -21.10
N ASN A 145 -5.72 8.92 -21.27
CA ASN A 145 -4.75 8.89 -20.18
C ASN A 145 -4.16 10.29 -20.10
N PHE A 146 -3.92 10.90 -21.26
CA PHE A 146 -3.37 12.25 -21.32
C PHE A 146 -4.53 13.15 -20.95
N THR A 147 -4.77 13.22 -19.65
CA THR A 147 -5.85 13.99 -19.05
C THR A 147 -5.74 15.49 -19.22
N GLY A 148 -4.61 15.97 -19.74
CA GLY A 148 -4.44 17.39 -19.92
C GLY A 148 -5.63 17.98 -20.67
N ILE A 149 -6.23 17.18 -21.55
CA ILE A 149 -7.38 17.60 -22.35
C ILE A 149 -8.63 16.88 -21.88
N THR A 150 -8.52 15.58 -21.72
CA THR A 150 -9.61 14.72 -21.30
C THR A 150 -10.15 15.04 -19.90
N ASP A 151 -9.37 15.77 -19.11
CA ASP A 151 -9.79 16.13 -17.75
C ASP A 151 -9.07 17.39 -17.30
N PRO A 152 -9.56 18.56 -17.74
CA PRO A 152 -8.94 19.83 -17.37
C PRO A 152 -8.38 19.84 -15.94
N TYR A 153 -7.08 20.15 -15.85
CA TYR A 153 -6.38 20.19 -14.58
C TYR A 153 -6.82 21.35 -13.70
N GLU A 154 -7.07 21.06 -12.43
CA GLU A 154 -7.49 22.08 -11.48
C GLU A 154 -6.35 22.36 -10.50
N PRO A 155 -5.66 23.50 -10.66
CA PRO A 155 -4.55 23.81 -9.77
C PRO A 155 -4.96 23.87 -8.30
N PRO A 156 -4.02 23.55 -7.38
CA PRO A 156 -4.35 23.60 -5.95
C PRO A 156 -4.64 25.04 -5.54
N GLU A 157 -5.64 25.24 -4.70
CA GLU A 157 -6.00 26.58 -4.23
C GLU A 157 -4.87 27.13 -3.36
N ASN A 158 -4.45 26.31 -2.39
CA ASN A 158 -3.38 26.70 -1.49
C ASN A 158 -2.37 25.59 -1.29
N PRO A 159 -1.43 25.46 -2.24
CA PRO A 159 -0.39 24.42 -2.17
C PRO A 159 0.66 24.78 -1.14
N GLN A 160 1.40 23.81 -0.66
CA GLN A 160 2.42 24.16 0.31
C GLN A 160 3.63 24.71 -0.41
N LEU A 161 3.68 24.56 -1.74
CA LEU A 161 4.81 25.09 -2.48
C LEU A 161 4.52 24.98 -3.96
N VAL A 162 5.07 25.90 -4.74
CA VAL A 162 4.89 25.91 -6.20
C VAL A 162 6.24 25.77 -6.86
N LEU A 163 6.37 24.79 -7.75
CA LEU A 163 7.64 24.61 -8.45
C LEU A 163 7.39 24.98 -9.91
N ASP A 164 7.88 26.16 -10.30
CA ASP A 164 7.69 26.62 -11.68
C ASP A 164 8.71 25.96 -12.58
N THR A 165 8.29 24.96 -13.35
CA THR A 165 9.20 24.26 -14.22
C THR A 165 9.51 25.00 -15.53
N GLU A 166 8.93 26.19 -15.72
CA GLU A 166 9.21 26.93 -16.94
C GLU A 166 10.24 28.02 -16.67
N SER A 167 10.19 28.60 -15.48
CA SER A 167 11.10 29.65 -15.06
C SER A 167 12.39 29.11 -14.47
N ASN A 168 12.28 28.02 -13.72
CA ASN A 168 13.46 27.47 -13.05
C ASN A 168 13.90 26.11 -13.51
N THR A 169 15.17 25.80 -13.23
CA THR A 169 15.75 24.52 -13.60
C THR A 169 15.30 23.45 -12.61
N ILE A 170 15.56 22.18 -12.95
CA ILE A 170 15.19 21.08 -12.07
C ILE A 170 16.02 21.17 -10.78
N GLU A 171 17.28 21.59 -10.90
CA GLU A 171 18.19 21.70 -9.76
C GLU A 171 17.67 22.71 -8.75
N HIS A 172 17.23 23.85 -9.27
CA HIS A 172 16.69 24.87 -8.43
C HIS A 172 15.45 24.33 -7.74
N ASN A 173 14.57 23.67 -8.49
CA ASN A 173 13.34 23.17 -7.89
C ASN A 173 13.49 22.03 -6.90
N VAL A 174 14.36 21.08 -7.21
CA VAL A 174 14.56 19.98 -6.28
C VAL A 174 15.07 20.55 -4.94
N SER A 175 15.99 21.50 -5.07
CA SER A 175 16.60 22.15 -3.92
C SER A 175 15.58 22.95 -3.13
N TYR A 176 14.63 23.57 -3.82
CA TYR A 176 13.60 24.36 -3.15
C TYR A 176 12.67 23.45 -2.37
N LEU A 177 12.31 22.30 -2.96
CA LEU A 177 11.40 21.34 -2.32
C LEU A 177 12.08 20.68 -1.14
N TYR A 178 13.37 20.39 -1.32
CA TYR A 178 14.17 19.79 -0.27
C TYR A 178 14.21 20.66 0.97
N SER A 179 14.27 21.99 0.79
CA SER A 179 14.32 22.90 1.94
C SER A 179 13.02 22.87 2.74
N LEU A 180 11.88 22.79 2.05
CA LEU A 180 10.57 22.73 2.70
C LEU A 180 10.49 21.39 3.47
N VAL A 181 10.85 20.30 2.79
CA VAL A 181 10.80 18.99 3.44
C VAL A 181 11.67 18.97 4.71
N LYS A 182 12.91 19.42 4.59
CA LYS A 182 13.80 19.43 5.75
C LYS A 182 13.29 20.36 6.84
N ALA A 183 12.60 21.41 6.45
CA ALA A 183 12.07 22.34 7.44
C ALA A 183 10.96 21.68 8.22
N VAL A 184 10.25 20.76 7.58
CA VAL A 184 9.13 20.10 8.25
C VAL A 184 9.50 18.85 9.06
N ILE A 185 10.39 18.02 8.55
CA ILE A 185 10.75 16.79 9.26
C ILE A 185 11.73 17.08 10.38
N GLU A 186 12.07 18.36 10.53
CA GLU A 186 12.97 18.86 11.55
C GLU A 186 14.41 18.96 11.07
N LYS B 8 12.11 0.44 18.92
CA LYS B 8 13.27 -0.28 18.31
C LYS B 8 13.37 0.16 16.85
N CYS B 9 14.57 0.09 16.28
CA CYS B 9 14.72 0.52 14.90
C CYS B 9 15.44 -0.52 14.06
N ILE B 10 14.71 -1.53 13.60
CA ILE B 10 15.33 -2.57 12.80
C ILE B 10 15.35 -2.24 11.31
N GLU B 11 16.44 -2.64 10.66
CA GLU B 11 16.62 -2.38 9.24
C GLU B 11 15.45 -2.93 8.42
N LYS B 12 15.21 -4.22 8.55
CA LYS B 12 14.18 -4.93 7.80
C LYS B 12 13.17 -5.66 8.66
N GLY B 13 11.89 -5.63 8.29
CA GLY B 13 10.88 -6.32 9.04
C GLY B 13 10.57 -7.67 8.40
N ILE B 14 9.38 -8.19 8.63
CA ILE B 14 9.01 -9.48 8.08
C ILE B 14 7.53 -9.46 7.76
N VAL B 15 7.09 -10.47 7.03
CA VAL B 15 5.70 -10.57 6.70
C VAL B 15 5.20 -11.88 7.30
N VAL B 16 4.20 -11.79 8.16
CA VAL B 16 3.64 -12.98 8.75
C VAL B 16 2.30 -13.22 8.08
N TRP B 17 2.18 -14.32 7.35
CA TRP B 17 0.94 -14.59 6.63
C TRP B 17 0.07 -15.70 7.23
N LEU B 18 -1.03 -15.27 7.84
CA LEU B 18 -1.97 -16.19 8.45
C LEU B 18 -3.01 -16.58 7.41
N THR B 19 -3.06 -17.86 7.07
CA THR B 19 -4.03 -18.35 6.09
C THR B 19 -4.82 -19.45 6.80
N GLY B 20 -6.11 -19.52 6.47
CA GLY B 20 -7.00 -20.50 7.12
C GLY B 20 -8.47 -20.15 6.94
N LEU B 21 -9.35 -21.14 7.15
CA LEU B 21 -10.80 -20.97 6.99
C LEU B 21 -11.36 -19.81 7.80
N PRO B 22 -12.47 -19.21 7.33
CA PRO B 22 -13.08 -18.11 8.09
C PRO B 22 -13.55 -18.80 9.39
N GLY B 23 -13.45 -18.12 10.52
CA GLY B 23 -13.85 -18.78 11.74
C GLY B 23 -12.71 -19.54 12.43
N SER B 24 -11.58 -19.72 11.76
CA SER B 24 -10.47 -20.43 12.39
C SER B 24 -9.80 -19.59 13.48
N GLY B 25 -10.22 -18.34 13.60
CA GLY B 25 -9.64 -17.47 14.62
C GLY B 25 -8.32 -16.80 14.25
N LYS B 26 -8.07 -16.62 12.96
CA LYS B 26 -6.86 -15.98 12.47
C LYS B 26 -6.58 -14.58 13.00
N THR B 27 -7.59 -13.71 12.95
CA THR B 27 -7.43 -12.32 13.39
C THR B 27 -7.12 -12.15 14.86
N THR B 28 -7.71 -12.99 15.70
CA THR B 28 -7.44 -12.88 17.12
C THR B 28 -5.99 -13.23 17.37
N ILE B 29 -5.49 -14.24 16.65
CA ILE B 29 -4.09 -14.63 16.82
C ILE B 29 -3.23 -13.44 16.34
N ALA B 30 -3.55 -12.92 15.17
CA ALA B 30 -2.82 -11.77 14.62
C ALA B 30 -2.82 -10.63 15.60
N THR B 31 -4.01 -10.33 16.15
CA THR B 31 -4.16 -9.24 17.10
C THR B 31 -3.35 -9.40 18.37
N ARG B 32 -3.35 -10.60 18.93
CA ARG B 32 -2.59 -10.81 20.13
C ARG B 32 -1.11 -10.79 19.83
N LEU B 33 -0.71 -11.31 18.69
CA LEU B 33 0.71 -11.29 18.33
C LEU B 33 1.18 -9.83 18.25
N ALA B 34 0.40 -8.99 17.60
CA ALA B 34 0.74 -7.58 17.42
C ALA B 34 0.92 -6.85 18.76
N ASP B 35 0.04 -7.14 19.71
CA ASP B 35 0.09 -6.51 21.04
C ASP B 35 1.43 -6.85 21.71
N LEU B 36 1.81 -8.12 21.65
CA LEU B 36 3.07 -8.54 22.23
C LEU B 36 4.26 -7.81 21.62
N LEU B 37 4.32 -7.78 20.31
CA LEU B 37 5.44 -7.12 19.64
C LEU B 37 5.46 -5.61 19.85
N GLN B 38 4.28 -4.99 19.86
CA GLN B 38 4.23 -3.55 20.06
C GLN B 38 4.73 -3.21 21.48
N LYS B 39 4.29 -4.01 22.46
CA LYS B 39 4.70 -3.81 23.86
C LYS B 39 6.22 -3.86 23.98
N GLU B 40 6.87 -4.56 23.05
CA GLU B 40 8.33 -4.67 23.08
C GLU B 40 9.00 -3.57 22.28
N GLY B 41 8.22 -2.71 21.68
CA GLY B 41 8.79 -1.59 20.92
C GLY B 41 8.91 -1.74 19.43
N TYR B 42 8.34 -2.80 18.87
CA TYR B 42 8.40 -3.02 17.43
C TYR B 42 7.30 -2.27 16.69
N ARG B 43 7.63 -1.81 15.48
CA ARG B 43 6.65 -1.15 14.60
C ARG B 43 5.87 -2.33 14.04
N VAL B 44 4.55 -2.32 14.18
CA VAL B 44 3.74 -3.43 13.71
C VAL B 44 2.50 -2.96 12.98
N GLU B 45 2.13 -3.68 11.93
CA GLU B 45 0.89 -3.37 11.23
C GLU B 45 0.21 -4.69 10.97
N VAL B 46 -1.09 -4.72 11.28
CA VAL B 46 -1.92 -5.88 11.05
C VAL B 46 -2.79 -5.51 9.83
N LEU B 47 -2.80 -6.36 8.79
CA LEU B 47 -3.61 -6.08 7.61
C LEU B 47 -4.59 -7.24 7.50
N ASP B 48 -5.88 -6.95 7.41
CA ASP B 48 -6.89 -8.01 7.29
C ASP B 48 -7.96 -7.59 6.30
N GLY B 49 -8.85 -8.50 5.94
CA GLY B 49 -9.92 -8.19 5.00
C GLY B 49 -10.85 -7.06 5.44
N ASP B 50 -11.20 -7.04 6.73
CA ASP B 50 -12.07 -5.99 7.25
C ASP B 50 -11.47 -4.62 6.94
N TRP B 51 -10.18 -4.47 7.25
CA TRP B 51 -9.49 -3.22 7.00
C TRP B 51 -9.47 -2.94 5.50
N ALA B 52 -8.99 -3.91 4.73
CA ALA B 52 -8.88 -3.75 3.29
C ALA B 52 -10.17 -3.36 2.55
N ARG B 53 -11.27 -4.03 2.89
CA ARG B 53 -12.56 -3.76 2.26
C ARG B 53 -12.97 -2.28 2.24
N THR B 54 -12.58 -1.55 3.28
CA THR B 54 -12.93 -0.14 3.37
C THR B 54 -11.81 0.80 2.92
N THR B 55 -10.61 0.26 2.69
CA THR B 55 -9.48 1.12 2.32
C THR B 55 -8.82 0.88 0.97
N VAL B 56 -7.89 -0.08 0.91
CA VAL B 56 -7.16 -0.33 -0.33
C VAL B 56 -7.86 -1.27 -1.28
N SER B 57 -8.77 -2.06 -0.76
CA SER B 57 -9.45 -2.98 -1.64
C SER B 57 -10.93 -2.73 -1.73
N GLU B 58 -11.33 -1.51 -1.37
CA GLU B 58 -12.72 -1.14 -1.45
C GLU B 58 -13.17 -1.18 -2.91
N GLY B 59 -14.24 -1.91 -3.19
CA GLY B 59 -14.72 -1.97 -4.55
C GLY B 59 -15.06 -3.37 -4.99
N ALA B 60 -15.76 -4.09 -4.11
CA ALA B 60 -16.21 -5.45 -4.35
C ALA B 60 -15.25 -6.28 -5.22
N GLY B 61 -15.82 -7.27 -5.88
CA GLY B 61 -15.02 -8.15 -6.71
C GLY B 61 -14.75 -9.44 -5.95
N PHE B 62 -15.33 -10.53 -6.43
CA PHE B 62 -15.13 -11.81 -5.78
C PHE B 62 -14.71 -12.85 -6.79
N THR B 63 -14.58 -12.40 -8.03
CA THR B 63 -14.12 -13.25 -9.11
C THR B 63 -12.71 -13.65 -8.67
N ARG B 64 -12.22 -14.80 -9.11
CA ARG B 64 -10.87 -15.18 -8.72
C ARG B 64 -9.85 -14.19 -9.26
N GLU B 65 -10.17 -13.54 -10.38
CA GLU B 65 -9.27 -12.56 -10.97
C GLU B 65 -9.14 -11.38 -10.02
N GLU B 66 -10.27 -10.97 -9.47
CA GLU B 66 -10.33 -9.87 -8.53
C GLU B 66 -9.60 -10.17 -7.23
N ARG B 67 -9.90 -11.31 -6.61
CA ARG B 67 -9.27 -11.66 -5.35
C ARG B 67 -7.78 -11.76 -5.52
N LEU B 68 -7.36 -12.20 -6.70
CA LEU B 68 -5.96 -12.33 -7.00
C LEU B 68 -5.32 -10.93 -7.08
N ARG B 69 -6.04 -9.99 -7.69
CA ARG B 69 -5.55 -8.62 -7.79
C ARG B 69 -5.47 -8.03 -6.39
N HIS B 70 -6.44 -8.38 -5.56
CA HIS B 70 -6.49 -7.90 -4.18
C HIS B 70 -5.28 -8.46 -3.39
N LEU B 71 -5.00 -9.74 -3.55
CA LEU B 71 -3.91 -10.36 -2.81
C LEU B 71 -2.53 -9.85 -3.27
N LYS B 72 -2.38 -9.56 -4.55
CA LYS B 72 -1.11 -9.06 -5.06
C LYS B 72 -0.87 -7.66 -4.52
N ARG B 73 -1.96 -6.91 -4.38
CA ARG B 73 -1.89 -5.56 -3.85
C ARG B 73 -1.44 -5.61 -2.37
N ILE B 74 -2.02 -6.52 -1.61
CA ILE B 74 -1.67 -6.68 -0.22
C ILE B 74 -0.20 -7.05 -0.15
N ALA B 75 0.22 -7.98 -0.98
CA ALA B 75 1.59 -8.45 -0.97
C ALA B 75 2.52 -7.29 -1.16
N TRP B 76 2.19 -6.42 -2.11
CA TRP B 76 3.04 -5.27 -2.38
C TRP B 76 3.06 -4.26 -1.23
N ILE B 77 1.93 -4.10 -0.57
CA ILE B 77 1.85 -3.19 0.58
C ILE B 77 2.67 -3.75 1.75
N ALA B 78 2.58 -5.06 2.00
CA ALA B 78 3.38 -5.69 3.06
C ALA B 78 4.87 -5.56 2.71
N ARG B 79 5.21 -5.74 1.45
CA ARG B 79 6.62 -5.60 1.01
C ARG B 79 7.16 -4.18 1.29
N LEU B 80 6.40 -3.13 0.95
CA LEU B 80 6.86 -1.76 1.22
C LEU B 80 7.02 -1.53 2.74
N LEU B 81 6.04 -1.91 3.52
CA LEU B 81 6.17 -1.73 4.97
C LEU B 81 7.35 -2.51 5.55
N ALA B 82 7.45 -3.80 5.27
CA ALA B 82 8.54 -4.59 5.84
C ALA B 82 9.93 -4.08 5.39
N ARG B 83 10.07 -3.63 4.16
CA ARG B 83 11.37 -3.16 3.72
C ARG B 83 11.72 -1.86 4.42
N ASN B 84 10.75 -1.28 5.11
CA ASN B 84 11.02 -0.07 5.85
C ASN B 84 11.03 -0.32 7.34
N GLY B 85 11.30 -1.57 7.71
CA GLY B 85 11.43 -1.92 9.12
C GLY B 85 10.22 -2.40 9.88
N VAL B 86 9.09 -2.55 9.23
CA VAL B 86 7.86 -2.96 9.92
C VAL B 86 7.60 -4.48 9.91
N ILE B 87 7.03 -4.99 10.99
CA ILE B 87 6.64 -6.38 11.12
C ILE B 87 5.19 -6.33 10.65
N VAL B 88 4.93 -6.92 9.50
CA VAL B 88 3.60 -6.89 8.94
C VAL B 88 2.89 -8.23 9.15
N ILE B 89 1.75 -8.16 9.83
CA ILE B 89 0.96 -9.36 10.13
C ILE B 89 -0.30 -9.30 9.28
N CYS B 90 -0.43 -10.25 8.36
CA CYS B 90 -1.56 -10.32 7.45
C CYS B 90 -2.49 -11.50 7.77
N SER B 91 -3.78 -11.22 7.84
CA SER B 91 -4.76 -12.25 8.11
C SER B 91 -5.76 -12.21 6.96
N PHE B 92 -5.71 -13.24 6.13
CA PHE B 92 -6.57 -13.32 4.97
C PHE B 92 -6.81 -14.81 4.77
N VAL B 93 -8.05 -15.18 4.49
CA VAL B 93 -8.38 -16.59 4.31
C VAL B 93 -7.42 -17.15 3.29
N SER B 94 -7.26 -16.40 2.19
CA SER B 94 -6.39 -16.76 1.07
C SER B 94 -6.36 -18.27 0.87
N PRO B 95 -7.51 -18.85 0.48
CA PRO B 95 -7.71 -20.29 0.24
C PRO B 95 -6.90 -20.98 -0.85
N TYR B 96 -6.45 -20.24 -1.85
CA TYR B 96 -5.72 -20.85 -2.97
C TYR B 96 -4.21 -20.83 -2.83
N LYS B 97 -3.62 -22.00 -3.01
CA LYS B 97 -2.20 -22.22 -2.87
C LYS B 97 -1.39 -21.38 -3.87
N GLN B 98 -1.83 -21.36 -5.12
CA GLN B 98 -1.16 -20.59 -6.16
C GLN B 98 -1.19 -19.09 -5.82
N ALA B 99 -2.32 -18.59 -5.34
CA ALA B 99 -2.43 -17.19 -4.97
C ALA B 99 -1.42 -16.91 -3.85
N ARG B 100 -1.45 -17.71 -2.79
CA ARG B 100 -0.52 -17.51 -1.70
C ARG B 100 0.93 -17.60 -2.18
N ASN B 101 1.21 -18.50 -3.12
CA ASN B 101 2.59 -18.65 -3.60
C ASN B 101 3.04 -17.41 -4.38
N MET B 102 2.08 -16.74 -5.01
CA MET B 102 2.38 -15.53 -5.74
C MET B 102 2.69 -14.41 -4.74
N VAL B 103 1.96 -14.41 -3.63
CA VAL B 103 2.16 -13.40 -2.58
C VAL B 103 3.56 -13.60 -1.97
N ARG B 104 3.93 -14.86 -1.75
CA ARG B 104 5.22 -15.20 -1.17
C ARG B 104 6.37 -14.69 -2.04
N ARG B 105 6.29 -14.92 -3.35
CA ARG B 105 7.35 -14.49 -4.28
C ARG B 105 7.54 -12.98 -4.30
N ILE B 106 6.45 -12.24 -4.23
CA ILE B 106 6.53 -10.80 -4.21
C ILE B 106 7.31 -10.34 -2.96
N VAL B 107 7.01 -10.95 -1.83
CA VAL B 107 7.69 -10.59 -0.57
C VAL B 107 9.14 -11.08 -0.58
N GLU B 108 9.37 -12.32 -0.98
CA GLU B 108 10.71 -12.85 -1.00
C GLU B 108 11.65 -12.21 -2.02
N GLU B 109 11.10 -11.59 -3.05
CA GLU B 109 11.92 -10.92 -4.05
C GLU B 109 12.68 -9.75 -3.40
N GLU B 110 12.07 -9.19 -2.36
CA GLU B 110 12.65 -8.08 -1.62
C GLU B 110 13.71 -8.57 -0.59
N GLY B 111 13.81 -9.88 -0.39
CA GLY B 111 14.74 -10.42 0.59
C GLY B 111 14.12 -10.40 1.99
N ILE B 112 12.81 -10.27 2.02
CA ILE B 112 12.05 -10.20 3.26
C ILE B 112 11.54 -11.59 3.68
N PRO B 113 11.66 -11.92 4.96
CA PRO B 113 11.18 -13.24 5.38
C PRO B 113 9.65 -13.31 5.24
N PHE B 114 9.16 -14.42 4.69
CA PHE B 114 7.74 -14.63 4.50
C PHE B 114 7.38 -15.85 5.30
N LEU B 115 6.68 -15.65 6.41
CA LEU B 115 6.29 -16.79 7.26
C LEU B 115 4.84 -17.14 7.00
N GLU B 116 4.61 -18.24 6.26
CA GLU B 116 3.27 -18.69 5.94
C GLU B 116 2.77 -19.51 7.13
N ILE B 117 1.73 -19.05 7.79
CA ILE B 117 1.23 -19.72 8.98
C ILE B 117 -0.13 -20.35 8.70
N TYR B 118 -0.20 -21.67 8.77
CA TYR B 118 -1.47 -22.34 8.56
C TYR B 118 -2.23 -22.42 9.89
N VAL B 119 -3.31 -21.66 9.96
CA VAL B 119 -4.16 -21.63 11.13
C VAL B 119 -5.19 -22.70 10.76
N LYS B 120 -4.98 -23.89 11.32
CA LYS B 120 -5.78 -25.07 11.00
C LYS B 120 -7.01 -25.32 11.88
N ALA B 121 -8.17 -25.41 11.23
CA ALA B 121 -9.43 -25.71 11.90
C ALA B 121 -10.11 -26.68 10.96
N SER B 122 -11.06 -27.46 11.46
CA SER B 122 -11.79 -28.40 10.62
C SER B 122 -13.03 -27.72 10.06
N LEU B 123 -13.31 -27.97 8.79
CA LEU B 123 -14.47 -27.39 8.12
C LEU B 123 -15.79 -27.76 8.86
N GLU B 124 -15.88 -29.01 9.27
CA GLU B 124 -17.08 -29.52 9.94
C GLU B 124 -17.33 -28.78 11.23
N GLU B 125 -16.27 -28.61 12.02
CA GLU B 125 -16.38 -27.92 13.27
C GLU B 125 -16.74 -26.46 13.08
N VAL B 126 -16.17 -25.80 12.06
CA VAL B 126 -16.48 -24.39 11.87
C VAL B 126 -17.93 -24.18 11.47
N ILE B 127 -18.48 -25.05 10.64
CA ILE B 127 -19.87 -24.81 10.29
C ILE B 127 -20.80 -25.23 11.42
N ARG B 128 -20.49 -26.35 12.08
CA ARG B 128 -21.37 -26.81 13.15
C ARG B 128 -21.54 -25.79 14.26
N ARG B 129 -20.52 -24.99 14.53
CA ARG B 129 -20.62 -23.98 15.58
C ARG B 129 -21.17 -22.65 15.07
N ASP B 130 -21.42 -22.52 13.77
CA ASP B 130 -21.94 -21.25 13.28
C ASP B 130 -23.00 -21.39 12.19
N PRO B 131 -24.08 -22.15 12.47
CA PRO B 131 -25.12 -22.32 11.45
C PRO B 131 -25.71 -20.97 11.09
N LYS B 132 -25.75 -20.06 12.06
CA LYS B 132 -26.30 -18.72 11.84
C LYS B 132 -25.55 -18.02 10.72
N GLY B 133 -24.22 -17.93 10.86
CA GLY B 133 -23.40 -17.28 9.85
C GLY B 133 -23.53 -17.92 8.47
N LEU B 134 -23.51 -19.25 8.42
CA LEU B 134 -23.62 -19.94 7.13
C LEU B 134 -24.90 -19.49 6.45
N TYR B 135 -25.97 -19.51 7.22
CA TYR B 135 -27.28 -19.12 6.73
C TYR B 135 -27.28 -17.72 6.16
N LYS B 136 -26.75 -16.75 6.90
CA LYS B 136 -26.72 -15.38 6.41
C LYS B 136 -25.79 -15.20 5.19
N LYS B 137 -24.71 -15.97 5.11
CA LYS B 137 -23.82 -15.86 3.97
C LYS B 137 -24.60 -16.36 2.76
N ALA B 138 -25.50 -17.32 3.01
CA ALA B 138 -26.33 -17.89 1.96
C ALA B 138 -27.33 -16.83 1.51
N LEU B 139 -27.85 -16.08 2.47
CA LEU B 139 -28.84 -15.03 2.18
C LEU B 139 -28.22 -13.82 1.51
N LYS B 140 -26.96 -13.55 1.85
CA LYS B 140 -26.25 -12.41 1.30
C LYS B 140 -25.49 -12.70 0.01
N GLY B 141 -25.49 -13.95 -0.42
CA GLY B 141 -24.79 -14.30 -1.65
C GLY B 141 -23.35 -14.72 -1.43
N GLU B 142 -23.11 -15.41 -0.32
CA GLU B 142 -21.79 -15.93 0.08
C GLU B 142 -20.61 -15.27 -0.62
N THR B 150 -17.70 -25.06 -3.24
CA THR B 150 -17.35 -24.87 -4.63
C THR B 150 -15.89 -24.42 -4.76
N ASP B 151 -15.38 -23.85 -3.67
CA ASP B 151 -13.99 -23.39 -3.61
C ASP B 151 -13.36 -23.98 -2.36
N PRO B 152 -12.73 -25.16 -2.49
CA PRO B 152 -12.10 -25.83 -1.35
C PRO B 152 -10.82 -25.13 -0.90
N TYR B 153 -10.58 -25.13 0.41
CA TYR B 153 -9.38 -24.52 0.96
C TYR B 153 -8.21 -25.44 0.63
N GLU B 154 -7.08 -24.86 0.23
CA GLU B 154 -5.91 -25.67 -0.11
C GLU B 154 -4.79 -25.39 0.89
N PRO B 155 -4.56 -26.31 1.83
CA PRO B 155 -3.48 -26.06 2.80
C PRO B 155 -2.10 -25.84 2.17
N PRO B 156 -1.24 -25.08 2.85
CA PRO B 156 0.12 -24.81 2.37
C PRO B 156 0.85 -26.14 2.25
N GLU B 157 1.76 -26.27 1.28
CA GLU B 157 2.53 -27.52 1.14
C GLU B 157 3.70 -27.45 2.12
N ASN B 158 4.15 -26.23 2.39
CA ASN B 158 5.28 -26.02 3.28
C ASN B 158 5.10 -24.79 4.16
N PRO B 159 4.16 -24.85 5.12
CA PRO B 159 3.94 -23.71 6.00
C PRO B 159 5.09 -23.63 6.99
N GLN B 160 5.45 -22.42 7.42
CA GLN B 160 6.55 -22.33 8.36
C GLN B 160 6.04 -22.76 9.72
N LEU B 161 4.72 -22.80 9.87
CA LEU B 161 4.15 -23.21 11.13
C LEU B 161 2.70 -23.59 10.90
N VAL B 162 2.21 -24.55 11.69
CA VAL B 162 0.82 -24.98 11.60
C VAL B 162 0.24 -24.76 13.02
N LEU B 163 -0.76 -23.90 13.14
CA LEU B 163 -1.39 -23.64 14.44
C LEU B 163 -2.73 -24.37 14.49
N ASP B 164 -2.75 -25.50 15.20
CA ASP B 164 -3.95 -26.29 15.31
C ASP B 164 -4.86 -25.67 16.35
N THR B 165 -5.85 -24.92 15.87
CA THR B 165 -6.81 -24.21 16.73
C THR B 165 -7.77 -25.12 17.52
N GLU B 166 -7.74 -26.41 17.23
CA GLU B 166 -8.63 -27.34 17.93
C GLU B 166 -7.94 -28.20 18.99
N SER B 167 -6.64 -28.41 18.86
CA SER B 167 -5.91 -29.21 19.81
C SER B 167 -5.23 -28.33 20.83
N ASN B 168 -5.02 -27.06 20.49
CA ASN B 168 -4.37 -26.16 21.42
C ASN B 168 -5.17 -24.91 21.72
N THR B 169 -4.81 -24.25 22.82
CA THR B 169 -5.50 -23.03 23.22
C THR B 169 -4.97 -21.87 22.38
N ILE B 170 -5.77 -20.81 22.28
CA ILE B 170 -5.37 -19.63 21.54
C ILE B 170 -4.04 -19.12 22.09
N GLU B 171 -3.90 -19.12 23.42
CA GLU B 171 -2.68 -18.61 24.03
C GLU B 171 -1.43 -19.40 23.69
N HIS B 172 -1.56 -20.72 23.62
CA HIS B 172 -0.42 -21.54 23.30
C HIS B 172 -0.07 -21.38 21.81
N ASN B 173 -1.09 -21.19 20.99
CA ASN B 173 -0.86 -20.96 19.56
C ASN B 173 -0.17 -19.61 19.38
N VAL B 174 -0.63 -18.59 20.10
CA VAL B 174 0.02 -17.28 20.00
C VAL B 174 1.47 -17.42 20.43
N SER B 175 1.70 -18.15 21.51
CA SER B 175 3.04 -18.36 22.02
C SER B 175 3.93 -19.07 20.98
N TYR B 176 3.36 -20.06 20.29
CA TYR B 176 4.13 -20.76 19.25
C TYR B 176 4.58 -19.80 18.16
N LEU B 177 3.65 -18.95 17.72
CA LEU B 177 3.93 -17.98 16.66
C LEU B 177 4.92 -16.91 17.14
N TYR B 178 4.70 -16.40 18.34
CA TYR B 178 5.61 -15.40 18.91
C TYR B 178 7.03 -15.96 18.96
N SER B 179 7.18 -17.26 19.28
CA SER B 179 8.53 -17.85 19.34
C SER B 179 9.24 -17.82 18.02
N LEU B 180 8.51 -18.15 16.97
CA LEU B 180 9.09 -18.16 15.65
C LEU B 180 9.45 -16.75 15.23
N VAL B 181 8.55 -15.81 15.44
CA VAL B 181 8.83 -14.41 15.08
C VAL B 181 10.15 -13.94 15.72
N LYS B 182 10.30 -14.18 17.01
CA LYS B 182 11.50 -13.74 17.71
C LYS B 182 12.75 -14.44 17.22
N ALA B 183 12.61 -15.72 16.87
CA ALA B 183 13.75 -16.49 16.37
C ALA B 183 14.20 -15.85 15.07
N VAL B 184 13.26 -15.23 14.37
CA VAL B 184 13.58 -14.59 13.11
C VAL B 184 14.03 -13.14 13.30
N ILE B 185 13.34 -12.37 14.11
CA ILE B 185 13.70 -10.96 14.23
C ILE B 185 14.73 -10.59 15.31
N GLU B 186 14.84 -11.37 16.37
CA GLU B 186 15.81 -11.05 17.41
C GLU B 186 17.19 -11.54 16.96
#